data_1HKQ
#
_entry.id   1HKQ
#
_cell.length_a   51.866
_cell.length_b   55.533
_cell.length_c   96.073
_cell.angle_alpha   90.00
_cell.angle_beta   90.00
_cell.angle_gamma   90.00
#
_symmetry.space_group_name_H-M   'P 21 21 21'
#
loop_
_entity.id
_entity.type
_entity.pdbx_description
1 polymer 'REPLICATION PROTEIN'
2 non-polymer 'MERCURY (II) ION'
3 non-polymer 'BENZOIC ACID'
4 non-polymer 'PHOSPHATE ION'
5 water water
#
_entity_poly.entity_id   1
_entity_poly.type   'polypeptide(L)'
_entity_poly.pdbx_seq_one_letter_code
;MVDNKVTQSNKLIESSHTLTLNEKRLVLCAASLIDSRKPLPKDGYLTIRADTFAEVFGIDVKHAYAALDDAATKLFNRDI
RRYVKGKVVERMRWVFHVKYREGQGCVELGFSPTIIPHLTMLHKEFTSYQLK
;
_entity_poly.pdbx_strand_id   A,B
#
# COMPACT_ATOMS: atom_id res chain seq x y z
N GLN A 8 10.52 15.37 10.30
CA GLN A 8 9.18 14.78 10.53
C GLN A 8 8.55 14.29 9.22
N SER A 9 7.95 15.22 8.49
CA SER A 9 7.33 14.90 7.21
C SER A 9 8.28 15.31 6.10
N ASN A 10 9.44 15.83 6.50
CA ASN A 10 10.47 16.24 5.56
C ASN A 10 10.93 15.03 4.76
N LYS A 11 10.76 13.85 5.35
CA LYS A 11 11.16 12.62 4.70
C LYS A 11 10.36 12.42 3.42
N LEU A 12 9.08 12.76 3.46
CA LEU A 12 8.25 12.62 2.27
C LEU A 12 8.85 13.55 1.20
N ILE A 13 9.23 14.74 1.64
CA ILE A 13 9.84 15.73 0.76
C ILE A 13 11.20 15.20 0.27
N GLU A 14 11.85 14.41 1.11
CA GLU A 14 13.14 13.84 0.73
C GLU A 14 12.90 12.84 -0.36
N SER A 15 11.98 11.93 -0.10
CA SER A 15 11.64 10.86 -1.04
C SER A 15 11.18 11.39 -2.38
N SER A 16 10.46 12.49 -2.39
CA SER A 16 9.98 13.03 -3.65
C SER A 16 11.12 13.46 -4.57
N HIS A 17 12.26 13.83 -4.00
CA HIS A 17 13.42 14.26 -4.78
C HIS A 17 13.92 13.14 -5.64
N THR A 18 13.71 11.92 -5.15
CA THR A 18 14.21 10.75 -5.86
C THR A 18 13.28 10.21 -6.96
N LEU A 19 12.05 10.75 -7.03
CA LEU A 19 11.07 10.35 -8.04
C LEU A 19 11.39 10.92 -9.43
N THR A 20 10.91 10.25 -10.47
CA THR A 20 11.09 10.73 -11.83
C THR A 20 10.17 11.95 -12.03
N LEU A 21 10.46 12.74 -13.06
CA LEU A 21 9.68 13.93 -13.35
C LEU A 21 8.16 13.71 -13.36
N ASN A 22 7.69 12.70 -14.10
CA ASN A 22 6.26 12.47 -14.14
C ASN A 22 5.68 11.97 -12.83
N GLU A 23 6.49 11.28 -12.02
CA GLU A 23 6.00 10.84 -10.73
C GLU A 23 5.78 12.08 -9.86
N LYS A 24 6.74 13.00 -9.87
CA LYS A 24 6.59 14.24 -9.10
C LYS A 24 5.28 14.92 -9.49
N ARG A 25 5.04 14.97 -10.79
CA ARG A 25 3.85 15.58 -11.37
C ARG A 25 2.57 14.92 -10.82
N LEU A 26 2.51 13.60 -10.98
CA LEU A 26 1.36 12.85 -10.53
C LEU A 26 1.05 13.21 -9.08
N VAL A 27 2.02 13.08 -8.18
CA VAL A 27 1.81 13.38 -6.78
C VAL A 27 1.34 14.82 -6.54
N LEU A 28 2.05 15.80 -7.11
CA LEU A 28 1.66 17.19 -6.93
C LEU A 28 0.27 17.50 -7.47
N CYS A 29 -0.04 16.89 -8.61
CA CYS A 29 -1.35 17.06 -9.27
C CYS A 29 -2.44 16.55 -8.32
N ALA A 30 -2.17 15.40 -7.68
CA ALA A 30 -3.12 14.84 -6.73
C ALA A 30 -3.27 15.79 -5.56
N ALA A 31 -2.13 16.27 -5.04
CA ALA A 31 -2.14 17.18 -3.90
C ALA A 31 -3.02 18.38 -4.21
N SER A 32 -2.78 18.99 -5.36
CA SER A 32 -3.54 20.16 -5.78
C SER A 32 -5.05 19.92 -5.80
N LEU A 33 -5.48 18.67 -5.94
CA LEU A 33 -6.90 18.36 -5.97
C LEU A 33 -7.49 18.25 -4.56
N ILE A 34 -6.69 18.55 -3.55
CA ILE A 34 -7.18 18.45 -2.18
C ILE A 34 -7.51 19.82 -1.61
N ASP A 35 -8.59 19.91 -0.84
CA ASP A 35 -9.00 21.16 -0.23
C ASP A 35 -8.57 21.18 1.24
N SER A 36 -7.50 21.91 1.53
CA SER A 36 -6.97 22.00 2.89
C SER A 36 -8.02 22.37 3.94
N ARG A 37 -9.08 23.04 3.50
CA ARG A 37 -10.15 23.48 4.38
C ARG A 37 -11.09 22.34 4.81
N LYS A 38 -11.36 21.43 3.88
CA LYS A 38 -12.25 20.30 4.13
C LYS A 38 -11.46 19.06 4.56
N PRO A 39 -12.15 17.92 4.76
CA PRO A 39 -11.47 16.68 5.17
C PRO A 39 -10.75 15.94 4.05
N LEU A 40 -9.88 15.02 4.45
CA LEU A 40 -9.11 14.23 3.49
C LEU A 40 -10.04 13.33 2.70
N PRO A 41 -9.66 12.97 1.47
CA PRO A 41 -10.47 12.10 0.62
C PRO A 41 -10.71 10.73 1.25
N LYS A 42 -11.89 10.15 1.03
CA LYS A 42 -12.21 8.85 1.59
C LYS A 42 -11.20 7.77 1.18
N ASP A 43 -10.53 7.24 2.19
CA ASP A 43 -9.50 6.20 2.01
C ASP A 43 -8.31 6.70 1.20
N GLY A 44 -8.32 7.98 0.86
CA GLY A 44 -7.22 8.57 0.12
C GLY A 44 -7.30 8.38 -1.39
N TYR A 45 -8.52 8.22 -1.90
CA TYR A 45 -8.72 8.04 -3.32
C TYR A 45 -8.79 9.35 -4.08
N LEU A 46 -8.06 9.44 -5.17
CA LEU A 46 -8.04 10.62 -6.01
C LEU A 46 -7.93 10.18 -7.45
N THR A 47 -8.73 10.79 -8.32
CA THR A 47 -8.72 10.43 -9.74
C THR A 47 -7.96 11.48 -10.51
N ILE A 48 -7.09 11.02 -11.41
CA ILE A 48 -6.25 11.91 -12.19
C ILE A 48 -6.42 11.72 -13.69
N ARG A 49 -7.04 12.71 -14.32
CA ARG A 49 -7.31 12.68 -15.76
C ARG A 49 -6.10 13.06 -16.60
N ALA A 50 -5.93 12.34 -17.70
CA ALA A 50 -4.83 12.57 -18.60
C ALA A 50 -4.86 13.97 -19.22
N ASP A 51 -6.00 14.36 -19.79
CA ASP A 51 -6.13 15.67 -20.43
C ASP A 51 -5.71 16.84 -19.55
N THR A 52 -6.25 16.90 -18.33
CA THR A 52 -5.88 17.96 -17.41
C THR A 52 -4.38 17.84 -17.08
N PHE A 53 -3.90 16.62 -16.85
CA PHE A 53 -2.48 16.40 -16.55
C PHE A 53 -1.67 16.92 -17.74
N ALA A 54 -2.09 16.51 -18.94
CA ALA A 54 -1.39 16.94 -20.13
C ALA A 54 -1.45 18.46 -20.32
N GLU A 55 -2.51 19.10 -19.85
CA GLU A 55 -2.60 20.54 -20.01
C GLU A 55 -1.76 21.26 -18.97
N VAL A 56 -2.00 20.96 -17.69
CA VAL A 56 -1.26 21.54 -16.59
C VAL A 56 0.24 21.57 -16.88
N PHE A 57 0.79 20.47 -17.37
CA PHE A 57 2.21 20.43 -17.71
C PHE A 57 2.15 20.53 -19.22
N GLY A 58 3.26 20.72 -19.90
CA GLY A 58 3.20 20.86 -21.35
C GLY A 58 3.34 19.58 -22.14
N ILE A 59 2.38 18.67 -21.99
CA ILE A 59 2.45 17.40 -22.71
C ILE A 59 1.35 17.27 -23.75
N ASP A 60 1.64 16.52 -24.82
CA ASP A 60 0.66 16.28 -25.88
C ASP A 60 -0.37 15.26 -25.40
N VAL A 61 -1.61 15.71 -25.20
CA VAL A 61 -2.70 14.85 -24.73
C VAL A 61 -2.83 13.50 -25.45
N LYS A 62 -2.42 13.46 -26.71
CA LYS A 62 -2.49 12.24 -27.51
C LYS A 62 -1.76 11.06 -26.87
N HIS A 63 -0.74 11.33 -26.06
CA HIS A 63 0.02 10.25 -25.42
C HIS A 63 -0.04 10.34 -23.89
N ALA A 64 -0.67 11.39 -23.41
CA ALA A 64 -0.81 11.64 -21.98
C ALA A 64 -1.16 10.39 -21.16
N TYR A 65 -2.20 9.66 -21.57
CA TYR A 65 -2.59 8.48 -20.82
C TYR A 65 -1.44 7.51 -20.61
N ALA A 66 -0.70 7.24 -21.67
CA ALA A 66 0.45 6.36 -21.57
C ALA A 66 1.33 6.87 -20.43
N ALA A 67 1.59 8.17 -20.45
CA ALA A 67 2.42 8.82 -19.44
C ALA A 67 1.95 8.54 -18.02
N LEU A 68 0.65 8.69 -17.77
CA LEU A 68 0.09 8.45 -16.43
C LEU A 68 0.20 6.98 -16.06
N ASP A 69 -0.04 6.13 -17.04
CA ASP A 69 0.01 4.70 -16.84
C ASP A 69 1.37 4.33 -16.28
N ASP A 70 2.40 4.71 -17.02
CA ASP A 70 3.77 4.45 -16.61
C ASP A 70 4.08 5.12 -15.27
N ALA A 71 3.64 6.37 -15.10
CA ALA A 71 3.88 7.10 -13.87
C ALA A 71 3.24 6.44 -12.65
N ALA A 72 1.96 6.08 -12.76
CA ALA A 72 1.26 5.47 -11.65
C ALA A 72 1.95 4.18 -11.27
N THR A 73 2.37 3.43 -12.29
CA THR A 73 3.06 2.16 -12.09
C THR A 73 4.42 2.34 -11.39
N LYS A 74 5.18 3.38 -11.75
CA LYS A 74 6.46 3.61 -11.09
C LYS A 74 6.21 4.04 -9.64
N LEU A 75 5.21 4.88 -9.42
CA LEU A 75 4.91 5.32 -8.07
C LEU A 75 4.52 4.12 -7.23
N PHE A 76 3.62 3.30 -7.77
CA PHE A 76 3.16 2.11 -7.06
C PHE A 76 4.33 1.24 -6.65
N ASN A 77 5.38 1.21 -7.47
CA ASN A 77 6.56 0.41 -7.16
C ASN A 77 7.53 1.06 -6.19
N ARG A 78 7.28 2.32 -5.81
CA ARG A 78 8.20 2.95 -4.89
C ARG A 78 8.15 2.31 -3.52
N ASP A 79 9.29 2.28 -2.85
CA ASP A 79 9.39 1.72 -1.51
C ASP A 79 10.17 2.75 -0.68
N ILE A 80 9.48 3.54 0.15
CA ILE A 80 10.18 4.50 0.98
C ILE A 80 10.55 3.81 2.28
N ARG A 81 11.86 3.77 2.55
CA ARG A 81 12.40 3.08 3.72
C ARG A 81 13.15 3.91 4.75
N ARG A 82 13.18 3.40 5.97
CA ARG A 82 13.92 4.05 7.04
C ARG A 82 15.00 3.05 7.48
N TYR A 83 16.23 3.52 7.69
CA TYR A 83 17.29 2.62 8.10
C TYR A 83 17.88 2.93 9.47
N VAL A 84 18.52 1.93 10.03
CA VAL A 84 19.22 2.02 11.30
C VAL A 84 20.39 1.10 11.02
N LYS A 85 21.57 1.71 10.92
CA LYS A 85 22.78 0.98 10.58
C LYS A 85 22.63 0.60 9.10
N GLY A 86 22.79 -0.68 8.79
CA GLY A 86 22.65 -1.10 7.40
C GLY A 86 21.33 -1.80 7.16
N LYS A 87 20.50 -1.92 8.19
CA LYS A 87 19.24 -2.61 8.04
C LYS A 87 18.01 -1.70 7.94
N VAL A 88 17.16 -2.01 6.98
CA VAL A 88 15.94 -1.24 6.80
C VAL A 88 15.07 -1.61 7.99
N VAL A 89 14.53 -0.60 8.65
CA VAL A 89 13.70 -0.82 9.82
C VAL A 89 12.22 -0.57 9.55
N GLU A 90 11.94 0.21 8.52
CA GLU A 90 10.58 0.54 8.19
C GLU A 90 10.37 0.65 6.68
N ARG A 91 9.22 0.15 6.19
CA ARG A 91 8.87 0.22 4.77
C ARG A 91 7.47 0.79 4.63
N MET A 92 7.28 1.65 3.63
CA MET A 92 5.98 2.27 3.38
C MET A 92 5.79 2.58 1.89
N ARG A 93 4.54 2.57 1.45
CA ARG A 93 4.19 2.85 0.04
C ARG A 93 3.48 4.21 -0.08
N TRP A 94 3.60 4.83 -1.24
CA TRP A 94 2.93 6.09 -1.46
C TRP A 94 1.46 5.73 -1.65
N VAL A 95 1.23 4.70 -2.44
CA VAL A 95 -0.11 4.22 -2.77
C VAL A 95 -0.24 2.70 -2.62
N PHE A 96 -1.43 2.25 -2.26
CA PHE A 96 -1.69 0.83 -2.06
C PHE A 96 -2.66 0.29 -3.08
N HIS A 97 -3.14 1.14 -3.98
CA HIS A 97 -4.12 0.69 -4.97
C HIS A 97 -4.14 1.59 -6.20
N VAL A 98 -4.11 0.98 -7.38
CA VAL A 98 -4.16 1.75 -8.62
C VAL A 98 -5.14 1.12 -9.59
N LYS A 99 -6.01 1.96 -10.17
CA LYS A 99 -7.00 1.52 -11.15
C LYS A 99 -6.72 2.26 -12.44
N TYR A 100 -6.32 1.53 -13.48
CA TYR A 100 -6.04 2.16 -14.77
C TYR A 100 -7.34 2.14 -15.57
N ARG A 101 -7.76 3.31 -16.05
CA ARG A 101 -8.99 3.41 -16.81
C ARG A 101 -8.81 4.09 -18.16
N GLU A 102 -8.16 3.40 -19.09
CA GLU A 102 -7.93 3.94 -20.42
C GLU A 102 -9.25 4.34 -21.12
N GLY A 103 -10.34 3.72 -20.70
CA GLY A 103 -11.64 4.05 -21.27
C GLY A 103 -12.02 5.48 -20.90
N GLN A 104 -11.91 5.79 -19.62
CA GLN A 104 -12.24 7.13 -19.13
C GLN A 104 -11.06 8.09 -19.23
N GLY A 105 -9.95 7.61 -19.75
CA GLY A 105 -8.75 8.43 -19.89
C GLY A 105 -8.15 8.92 -18.58
N CYS A 106 -8.38 8.19 -17.50
CA CYS A 106 -7.87 8.59 -16.21
C CYS A 106 -7.25 7.40 -15.45
N VAL A 107 -6.69 7.69 -14.28
CA VAL A 107 -6.08 6.70 -13.42
C VAL A 107 -6.59 6.94 -11.99
N GLU A 108 -6.86 5.88 -11.24
CA GLU A 108 -7.32 6.10 -9.87
C GLU A 108 -6.22 5.69 -8.90
N LEU A 109 -5.95 6.55 -7.93
CA LEU A 109 -4.89 6.27 -6.96
C LEU A 109 -5.38 6.30 -5.53
N GLY A 110 -5.06 5.22 -4.80
CA GLY A 110 -5.42 5.16 -3.40
C GLY A 110 -4.16 5.44 -2.56
N PHE A 111 -4.00 6.67 -2.09
CA PHE A 111 -2.85 7.01 -1.29
C PHE A 111 -2.93 6.40 0.09
N SER A 112 -1.81 5.85 0.56
CA SER A 112 -1.72 5.23 1.88
C SER A 112 -2.17 6.17 3.01
N PRO A 113 -2.78 5.61 4.07
CA PRO A 113 -3.25 6.37 5.24
C PRO A 113 -2.19 7.30 5.79
N THR A 114 -0.95 6.82 5.81
CA THR A 114 0.17 7.59 6.33
C THR A 114 0.71 8.57 5.30
N ILE A 115 0.05 8.65 4.15
CA ILE A 115 0.51 9.54 3.11
C ILE A 115 -0.44 10.70 2.85
N ILE A 116 -1.71 10.39 2.53
CA ILE A 116 -2.71 11.42 2.23
C ILE A 116 -2.75 12.63 3.17
N PRO A 117 -2.30 12.49 4.44
CA PRO A 117 -2.33 13.64 5.36
C PRO A 117 -1.19 14.63 5.17
N HIS A 118 -0.26 14.32 4.28
CA HIS A 118 0.86 15.21 4.06
C HIS A 118 0.87 15.80 2.67
N LEU A 119 -0.09 15.38 1.85
CA LEU A 119 -0.17 15.88 0.49
C LEU A 119 -0.28 17.40 0.34
N THR A 120 -1.15 18.05 1.11
CA THR A 120 -1.25 19.50 0.99
C THR A 120 0.04 20.13 1.48
N MET A 121 0.71 19.46 2.42
CA MET A 121 1.98 19.94 2.95
C MET A 121 3.00 19.92 1.80
N LEU A 122 2.98 18.87 1.00
CA LEU A 122 3.89 18.76 -0.13
C LEU A 122 3.57 19.87 -1.13
N HIS A 123 2.29 20.05 -1.38
CA HIS A 123 1.83 21.05 -2.31
C HIS A 123 2.31 22.44 -1.88
N LYS A 124 2.17 22.73 -0.59
CA LYS A 124 2.58 24.01 -0.04
C LYS A 124 4.08 24.14 -0.24
N GLU A 125 4.81 23.04 -0.07
CA GLU A 125 6.25 23.10 -0.24
C GLU A 125 6.66 23.37 -1.69
N PHE A 126 6.13 22.60 -2.63
CA PHE A 126 6.49 22.81 -4.04
C PHE A 126 6.13 24.23 -4.49
N THR A 127 5.09 24.80 -3.92
CA THR A 127 4.66 26.13 -4.27
C THR A 127 5.67 27.18 -3.82
N SER A 128 6.21 26.99 -2.62
CA SER A 128 7.17 27.92 -2.04
C SER A 128 8.50 27.99 -2.76
N TYR A 129 8.69 27.11 -3.72
CA TYR A 129 9.95 27.16 -4.46
C TYR A 129 9.67 27.38 -5.94
N GLN A 130 8.49 27.91 -6.16
CA GLN A 130 7.98 28.21 -7.51
C GLN A 130 8.23 29.67 -7.87
N LEU A 131 9.42 29.93 -8.33
CA LEU A 131 10.04 31.25 -8.26
C LEU A 131 9.53 32.12 -9.40
N LYS A 132 9.57 31.56 -10.58
CA LYS A 132 9.12 32.23 -11.81
C LYS A 132 7.62 32.53 -11.74
N GLN B 8 -16.77 -11.77 -6.71
CA GLN B 8 -16.03 -10.47 -6.80
C GLN B 8 -14.79 -10.47 -5.90
N SER B 9 -15.00 -10.28 -4.59
CA SER B 9 -13.91 -10.28 -3.63
C SER B 9 -13.36 -11.70 -3.47
N ASN B 10 -13.51 -12.49 -4.53
CA ASN B 10 -13.03 -13.87 -4.57
C ASN B 10 -11.64 -13.87 -5.14
N LYS B 11 -11.07 -12.68 -5.30
CA LYS B 11 -9.73 -12.54 -5.83
C LYS B 11 -8.72 -12.59 -4.68
N LEU B 12 -9.19 -12.29 -3.47
CA LEU B 12 -8.32 -12.32 -2.32
C LEU B 12 -8.03 -13.77 -1.95
N ILE B 13 -9.01 -14.64 -2.15
CA ILE B 13 -8.82 -16.05 -1.85
C ILE B 13 -8.00 -16.65 -3.00
N GLU B 14 -8.29 -16.19 -4.20
CA GLU B 14 -7.60 -16.67 -5.39
C GLU B 14 -6.15 -16.19 -5.38
N SER B 15 -5.90 -15.08 -4.70
CA SER B 15 -4.56 -14.53 -4.61
C SER B 15 -3.85 -15.08 -3.38
N SER B 16 -4.62 -15.43 -2.37
CA SER B 16 -4.07 -15.97 -1.13
C SER B 16 -3.36 -17.28 -1.44
N HIS B 17 -3.47 -17.71 -2.68
CA HIS B 17 -2.83 -18.94 -3.14
C HIS B 17 -1.35 -18.67 -3.37
N THR B 18 -1.06 -17.51 -3.94
CA THR B 18 0.30 -17.09 -4.27
C THR B 18 1.23 -16.92 -3.07
N LEU B 19 0.66 -16.62 -1.92
CA LEU B 19 1.45 -16.40 -0.71
C LEU B 19 2.15 -17.68 -0.27
N THR B 20 3.32 -17.54 0.36
CA THR B 20 4.01 -18.72 0.86
C THR B 20 3.32 -19.13 2.16
N LEU B 21 3.59 -20.33 2.64
CA LEU B 21 2.95 -20.79 3.87
C LEU B 21 2.93 -19.73 4.99
N ASN B 22 4.11 -19.21 5.34
CA ASN B 22 4.18 -18.20 6.40
C ASN B 22 3.34 -16.99 6.10
N GLU B 23 3.37 -16.53 4.84
CA GLU B 23 2.57 -15.39 4.45
C GLU B 23 1.15 -15.75 4.76
N LYS B 24 0.73 -16.92 4.29
CA LYS B 24 -0.64 -17.36 4.53
C LYS B 24 -0.95 -17.29 6.02
N ARG B 25 0.05 -17.62 6.84
CA ARG B 25 -0.10 -17.59 8.28
C ARG B 25 -0.21 -16.17 8.80
N LEU B 26 0.63 -15.29 8.27
CA LEU B 26 0.58 -13.89 8.68
C LEU B 26 -0.84 -13.38 8.48
N VAL B 27 -1.38 -13.58 7.28
CA VAL B 27 -2.72 -13.13 6.96
C VAL B 27 -3.78 -13.80 7.83
N LEU B 28 -3.47 -15.00 8.32
CA LEU B 28 -4.42 -15.72 9.15
C LEU B 28 -4.31 -15.21 10.58
N CYS B 29 -3.09 -15.13 11.08
CA CYS B 29 -2.82 -14.64 12.43
C CYS B 29 -3.46 -13.26 12.58
N ALA B 30 -3.20 -12.39 11.62
CA ALA B 30 -3.73 -11.03 11.64
C ALA B 30 -5.22 -10.98 11.32
N ALA B 31 -5.81 -12.14 11.07
CA ALA B 31 -7.24 -12.21 10.76
C ALA B 31 -7.98 -12.67 12.00
N SER B 32 -7.22 -13.12 12.99
CA SER B 32 -7.76 -13.58 14.26
C SER B 32 -8.09 -12.38 15.11
N LEU B 33 -7.10 -11.51 15.29
CA LEU B 33 -7.20 -10.29 16.09
C LEU B 33 -8.26 -9.32 15.59
N ILE B 34 -9.46 -9.84 15.35
CA ILE B 34 -10.59 -9.05 14.88
C ILE B 34 -11.83 -9.74 15.44
N ASP B 35 -12.95 -9.02 15.51
CA ASP B 35 -14.19 -9.58 16.05
C ASP B 35 -15.38 -9.43 15.11
N SER B 36 -16.40 -10.24 15.32
CA SER B 36 -17.61 -10.20 14.50
C SER B 36 -18.55 -9.22 15.19
N ARG B 37 -18.45 -9.23 16.52
CA ARG B 37 -19.23 -8.33 17.35
C ARG B 37 -18.63 -6.95 17.07
N LYS B 38 -17.34 -6.81 17.41
CA LYS B 38 -16.61 -5.56 17.19
C LYS B 38 -16.32 -5.37 15.68
N PRO B 39 -16.31 -4.10 15.21
CA PRO B 39 -16.05 -3.75 13.80
C PRO B 39 -14.59 -3.97 13.35
N LEU B 40 -14.16 -3.22 12.33
CA LEU B 40 -12.78 -3.33 11.80
C LEU B 40 -11.74 -2.92 12.88
N PRO B 41 -10.53 -3.52 12.84
CA PRO B 41 -9.43 -3.26 13.81
C PRO B 41 -9.11 -1.78 14.10
N LYS B 42 -8.02 -1.55 14.83
CA LYS B 42 -7.59 -0.19 15.16
C LYS B 42 -6.93 0.42 13.92
N ASP B 43 -7.78 0.93 13.02
CA ASP B 43 -7.34 1.53 11.77
C ASP B 43 -7.12 0.41 10.76
N GLY B 44 -5.98 -0.26 10.88
CA GLY B 44 -5.63 -1.36 10.00
C GLY B 44 -4.36 -2.00 10.48
N TYR B 45 -3.81 -1.45 11.55
CA TYR B 45 -2.56 -1.95 12.12
C TYR B 45 -2.70 -3.12 13.08
N LEU B 46 -1.86 -4.12 12.89
CA LEU B 46 -1.84 -5.30 13.74
C LEU B 46 -0.40 -5.65 14.04
N THR B 47 -0.09 -5.85 15.31
CA THR B 47 1.26 -6.19 15.69
C THR B 47 1.34 -7.68 15.86
N ILE B 48 2.39 -8.29 15.33
CA ILE B 48 2.57 -9.73 15.40
C ILE B 48 3.87 -10.06 16.13
N ARG B 49 3.76 -10.81 17.23
CA ARG B 49 4.96 -11.18 17.98
C ARG B 49 5.50 -12.54 17.52
N ALA B 50 6.81 -12.61 17.33
CA ALA B 50 7.44 -13.85 16.90
C ALA B 50 7.22 -14.95 17.92
N ASP B 51 7.13 -14.59 19.20
CA ASP B 51 6.89 -15.61 20.21
C ASP B 51 5.48 -16.17 19.97
N THR B 52 4.47 -15.31 20.08
CA THR B 52 3.08 -15.69 19.85
C THR B 52 2.89 -16.41 18.52
N PHE B 53 3.91 -16.33 17.66
CA PHE B 53 3.86 -16.96 16.35
C PHE B 53 4.15 -18.44 16.46
N ALA B 54 5.25 -18.78 17.13
CA ALA B 54 5.64 -20.18 17.32
C ALA B 54 4.63 -20.91 18.19
N GLU B 55 3.90 -20.14 19.00
CA GLU B 55 2.90 -20.69 19.90
C GLU B 55 1.71 -21.18 19.08
N VAL B 56 1.27 -20.37 18.13
CA VAL B 56 0.14 -20.69 17.28
C VAL B 56 0.49 -21.63 16.10
N PHE B 57 1.74 -21.60 15.66
CA PHE B 57 2.14 -22.44 14.55
C PHE B 57 3.29 -23.39 14.83
N GLY B 58 3.79 -23.38 16.06
CA GLY B 58 4.90 -24.26 16.37
C GLY B 58 6.09 -24.05 15.46
N ILE B 59 7.06 -23.26 15.91
CA ILE B 59 8.26 -22.98 15.14
C ILE B 59 9.47 -22.95 16.08
N ASP B 60 10.64 -23.28 15.55
CA ASP B 60 11.84 -23.22 16.37
C ASP B 60 11.97 -21.79 16.85
N VAL B 61 11.38 -21.52 18.01
CA VAL B 61 11.38 -20.20 18.60
C VAL B 61 12.73 -19.50 18.45
N LYS B 62 13.78 -20.26 18.14
CA LYS B 62 15.09 -19.65 17.99
C LYS B 62 15.15 -18.74 16.77
N HIS B 63 14.53 -19.17 15.66
CA HIS B 63 14.54 -18.37 14.44
C HIS B 63 13.16 -17.82 14.06
N ALA B 64 12.27 -17.67 15.04
CA ALA B 64 10.92 -17.17 14.78
C ALA B 64 10.87 -15.77 14.20
N TYR B 65 11.58 -14.83 14.80
CA TYR B 65 11.55 -13.47 14.28
C TYR B 65 11.98 -13.41 12.81
N ALA B 66 13.17 -13.91 12.50
CA ALA B 66 13.70 -13.90 11.13
C ALA B 66 12.69 -14.46 10.12
N ALA B 67 11.87 -15.41 10.57
CA ALA B 67 10.87 -15.98 9.68
C ALA B 67 9.79 -14.91 9.48
N LEU B 68 9.31 -14.38 10.59
CA LEU B 68 8.29 -13.35 10.58
C LEU B 68 8.74 -12.21 9.66
N ASP B 69 10.03 -11.90 9.71
CA ASP B 69 10.59 -10.84 8.89
C ASP B 69 10.45 -11.16 7.42
N ASP B 70 11.13 -12.21 6.99
CA ASP B 70 11.09 -12.66 5.60
C ASP B 70 9.64 -12.70 5.09
N ALA B 71 8.71 -13.16 5.93
CA ALA B 71 7.32 -13.24 5.54
C ALA B 71 6.65 -11.89 5.36
N ALA B 72 6.91 -10.97 6.30
CA ALA B 72 6.32 -9.63 6.25
C ALA B 72 6.84 -8.88 5.02
N THR B 73 8.11 -9.11 4.71
CA THR B 73 8.74 -8.49 3.56
C THR B 73 8.10 -9.00 2.26
N LYS B 74 7.94 -10.30 2.14
CA LYS B 74 7.38 -10.84 0.92
C LYS B 74 5.93 -10.43 0.78
N LEU B 75 5.19 -10.43 1.87
CA LEU B 75 3.78 -10.03 1.78
C LEU B 75 3.73 -8.59 1.26
N PHE B 76 4.63 -7.76 1.77
CA PHE B 76 4.73 -6.37 1.38
C PHE B 76 5.07 -6.23 -0.11
N ASN B 77 5.79 -7.20 -0.68
CA ASN B 77 6.15 -7.11 -2.10
C ASN B 77 5.12 -7.72 -3.04
N ARG B 78 4.10 -8.40 -2.51
CA ARG B 78 3.08 -8.96 -3.37
C ARG B 78 2.37 -7.86 -4.15
N ASP B 79 1.88 -8.21 -5.33
CA ASP B 79 1.16 -7.30 -6.20
C ASP B 79 -0.14 -8.01 -6.59
N ILE B 80 -1.24 -7.71 -5.93
CA ILE B 80 -2.52 -8.32 -6.29
C ILE B 80 -3.00 -7.52 -7.49
N ARG B 81 -3.00 -8.12 -8.67
CA ARG B 81 -3.44 -7.40 -9.85
C ARG B 81 -4.46 -8.17 -10.67
N ARG B 82 -5.29 -7.45 -11.42
CA ARG B 82 -6.31 -8.08 -12.25
C ARG B 82 -6.01 -7.81 -13.71
N TYR B 83 -6.34 -8.75 -14.56
CA TYR B 83 -6.10 -8.56 -15.98
C TYR B 83 -7.39 -8.51 -16.77
N VAL B 84 -7.34 -7.82 -17.89
CA VAL B 84 -8.47 -7.70 -18.78
C VAL B 84 -7.90 -7.66 -20.17
N LYS B 85 -8.20 -8.69 -20.95
CA LYS B 85 -7.71 -8.78 -22.31
C LYS B 85 -6.19 -8.79 -22.30
N GLY B 86 -5.63 -9.46 -21.30
CA GLY B 86 -4.18 -9.59 -21.19
C GLY B 86 -3.35 -8.43 -20.65
N LYS B 87 -3.98 -7.28 -20.40
CA LYS B 87 -3.26 -6.12 -19.87
C LYS B 87 -3.69 -5.87 -18.44
N VAL B 88 -2.78 -5.42 -17.59
CA VAL B 88 -3.14 -5.16 -16.20
C VAL B 88 -4.05 -3.94 -16.13
N VAL B 89 -5.11 -4.05 -15.33
CA VAL B 89 -6.06 -2.96 -15.20
C VAL B 89 -6.21 -2.50 -13.75
N GLU B 90 -5.61 -3.23 -12.83
CA GLU B 90 -5.71 -2.87 -11.42
C GLU B 90 -4.65 -3.56 -10.54
N ARG B 91 -3.93 -2.78 -9.74
CA ARG B 91 -2.91 -3.30 -8.84
C ARG B 91 -3.30 -2.93 -7.42
N MET B 92 -2.86 -3.72 -6.44
CA MET B 92 -3.21 -3.48 -5.04
C MET B 92 -2.24 -4.23 -4.11
N ARG B 93 -2.04 -3.71 -2.89
CA ARG B 93 -1.11 -4.32 -1.93
C ARG B 93 -1.82 -4.91 -0.72
N TRP B 94 -1.27 -5.98 -0.16
CA TRP B 94 -1.87 -6.57 1.04
C TRP B 94 -1.64 -5.55 2.15
N VAL B 95 -0.42 -5.03 2.22
CA VAL B 95 -0.05 -4.04 3.21
C VAL B 95 0.61 -2.82 2.58
N PHE B 96 0.57 -1.69 3.28
CA PHE B 96 1.15 -0.46 2.79
C PHE B 96 2.21 0.06 3.74
N HIS B 97 2.46 -0.66 4.82
CA HIS B 97 3.42 -0.21 5.81
C HIS B 97 3.92 -1.34 6.71
N VAL B 98 5.22 -1.38 6.95
CA VAL B 98 5.77 -2.37 7.84
C VAL B 98 6.83 -1.74 8.73
N LYS B 99 6.82 -2.13 10.00
CA LYS B 99 7.78 -1.66 10.99
C LYS B 99 8.46 -2.89 11.55
N TYR B 100 9.78 -2.90 11.50
CA TYR B 100 10.56 -4.02 12.02
C TYR B 100 11.10 -3.72 13.41
N ARG B 101 10.51 -4.35 14.43
CA ARG B 101 10.95 -4.15 15.80
C ARG B 101 11.65 -5.40 16.32
N GLU B 102 12.77 -5.74 15.73
CA GLU B 102 13.51 -6.93 16.14
C GLU B 102 13.87 -6.87 17.63
N GLY B 103 14.28 -5.69 18.08
CA GLY B 103 14.64 -5.52 19.49
C GLY B 103 13.56 -6.04 20.43
N GLN B 104 12.32 -6.03 19.98
CA GLN B 104 11.23 -6.52 20.82
C GLN B 104 10.51 -7.72 20.22
N GLY B 105 11.22 -8.45 19.37
CA GLY B 105 10.65 -9.63 18.73
C GLY B 105 9.26 -9.45 18.14
N CYS B 106 9.15 -8.57 17.13
CA CYS B 106 7.86 -8.36 16.49
C CYS B 106 7.90 -7.41 15.31
N VAL B 107 6.84 -7.48 14.51
CA VAL B 107 6.69 -6.60 13.37
C VAL B 107 5.28 -6.01 13.46
N GLU B 108 5.14 -4.81 12.94
CA GLU B 108 3.86 -4.13 12.94
C GLU B 108 3.48 -4.07 11.47
N LEU B 109 2.22 -4.37 11.15
CA LEU B 109 1.78 -4.38 9.76
C LEU B 109 0.58 -3.50 9.50
N GLY B 110 0.70 -2.65 8.49
CA GLY B 110 -0.41 -1.78 8.12
C GLY B 110 -1.16 -2.42 6.98
N PHE B 111 -2.35 -2.96 7.24
CA PHE B 111 -3.13 -3.59 6.19
C PHE B 111 -3.91 -2.58 5.36
N SER B 112 -3.87 -2.74 4.05
CA SER B 112 -4.57 -1.84 3.14
C SER B 112 -6.06 -1.70 3.43
N PRO B 113 -6.60 -0.48 3.23
CA PRO B 113 -8.02 -0.24 3.48
C PRO B 113 -8.90 -1.18 2.65
N THR B 114 -8.38 -1.67 1.54
CA THR B 114 -9.17 -2.54 0.70
C THR B 114 -9.09 -3.98 1.13
N ILE B 115 -8.24 -4.26 2.11
CA ILE B 115 -8.09 -5.63 2.58
C ILE B 115 -8.89 -5.98 3.83
N ILE B 116 -9.00 -5.06 4.77
CA ILE B 116 -9.73 -5.30 6.02
C ILE B 116 -11.16 -5.88 5.91
N PRO B 117 -12.00 -5.30 5.04
CA PRO B 117 -13.37 -5.80 4.90
C PRO B 117 -13.42 -7.22 4.34
N HIS B 118 -12.37 -7.99 4.52
CA HIS B 118 -12.35 -9.34 4.00
C HIS B 118 -11.49 -10.26 4.86
N LEU B 119 -10.78 -9.69 5.82
CA LEU B 119 -9.92 -10.50 6.71
C LEU B 119 -10.78 -11.52 7.44
N THR B 120 -12.09 -11.36 7.28
CA THR B 120 -13.08 -12.24 7.87
C THR B 120 -13.42 -13.29 6.82
N MET B 121 -14.07 -12.87 5.74
CA MET B 121 -14.41 -13.78 4.65
C MET B 121 -13.21 -14.67 4.30
N LEU B 122 -12.01 -14.13 4.52
CA LEU B 122 -10.75 -14.84 4.26
C LEU B 122 -10.53 -15.89 5.34
N HIS B 123 -10.75 -15.48 6.59
CA HIS B 123 -10.59 -16.38 7.72
C HIS B 123 -11.57 -17.53 7.57
N LYS B 124 -12.68 -17.26 6.90
CA LYS B 124 -13.69 -18.26 6.66
C LYS B 124 -13.00 -19.39 5.93
N GLU B 125 -12.97 -19.28 4.61
CA GLU B 125 -12.35 -20.27 3.76
C GLU B 125 -11.14 -20.99 4.37
N PHE B 126 -10.25 -20.27 5.02
CA PHE B 126 -9.08 -20.90 5.61
C PHE B 126 -9.40 -22.05 6.57
N THR B 127 -10.49 -21.91 7.33
CA THR B 127 -10.87 -22.97 8.27
C THR B 127 -11.77 -23.97 7.55
N SER B 128 -12.15 -23.63 6.32
CA SER B 128 -13.00 -24.49 5.51
C SER B 128 -12.17 -25.63 4.95
N TYR B 129 -10.83 -25.56 5.23
CA TYR B 129 -9.95 -26.65 4.76
C TYR B 129 -9.47 -27.51 5.94
N GLN B 130 -9.89 -27.14 7.13
CA GLN B 130 -9.52 -27.88 8.35
C GLN B 130 -10.45 -29.08 8.48
N LEU B 131 -9.88 -30.20 8.89
CA LEU B 131 -10.66 -31.45 9.01
C LEU B 131 -10.41 -32.16 10.35
N LYS B 132 -9.27 -31.89 10.94
CA LYS B 132 -8.88 -32.52 12.21
C LYS B 132 -8.82 -31.48 13.33
#